data_8UQS
#
_entry.id   8UQS
#
_cell.length_a   38.275
_cell.length_b   50.887
_cell.length_c   60.240
_cell.angle_alpha   90.00
_cell.angle_beta   90.00
_cell.angle_gamma   90.00
#
_symmetry.space_group_name_H-M   'P 21 21 21'
#
loop_
_entity.id
_entity.type
_entity.pdbx_description
1 polymer 'Cellular tumor antigen p53 (Fragment)'
2 water water
#
_entity_poly.entity_id   1
_entity_poly.type   'polypeptide(L)'
_entity_poly.pdbx_seq_one_letter_code
;GSEYFTLQIRGRQRYELLREINEALELKEAHSR
;
_entity_poly.pdbx_strand_id   A,B,C,D
#
# COMPACT_ATOMS: atom_id res chain seq x y z
N GLY A 1 18.36 -4.44 -7.64
CA GLY A 1 18.98 -5.74 -7.23
C GLY A 1 18.39 -6.91 -8.00
N SER A 2 18.96 -8.09 -7.78
CA SER A 2 18.58 -9.28 -8.52
C SER A 2 17.78 -10.27 -7.70
N GLU A 3 17.31 -9.88 -6.52
CA GLU A 3 16.59 -10.79 -5.64
C GLU A 3 15.09 -10.63 -5.75
N TYR A 4 14.42 -11.74 -6.03
CA TYR A 4 12.97 -11.81 -6.09
C TYR A 4 12.43 -12.59 -4.89
N PHE A 5 11.27 -12.16 -4.44
CA PHE A 5 10.58 -12.76 -3.30
C PHE A 5 9.14 -13.00 -3.70
N THR A 6 8.50 -13.93 -2.99
CA THR A 6 7.09 -14.22 -3.19
C THR A 6 6.35 -14.05 -1.88
N LEU A 7 5.16 -13.50 -1.97
CA LEU A 7 4.24 -13.39 -0.85
C LEU A 7 2.94 -14.08 -1.24
N GLN A 8 2.39 -14.90 -0.35
CA GLN A 8 1.10 -15.53 -0.60
C GLN A 8 0.03 -14.66 0.04
N ILE A 9 -0.89 -14.15 -0.77
CA ILE A 9 -1.89 -13.18 -0.34
C ILE A 9 -3.23 -13.90 -0.37
N ARG A 10 -3.98 -13.81 0.73
CA ARG A 10 -5.25 -14.52 0.83
C ARG A 10 -6.32 -13.67 0.20
N GLY A 11 -6.95 -14.17 -0.87
CA GLY A 11 -8.08 -13.50 -1.46
C GLY A 11 -7.71 -12.62 -2.66
N ARG A 12 -8.59 -12.66 -3.65
CA ARG A 12 -8.38 -11.91 -4.89
C ARG A 12 -8.36 -10.41 -4.64
N GLN A 13 -9.30 -9.91 -3.85
CA GLN A 13 -9.37 -8.45 -3.69
C GLN A 13 -8.11 -7.93 -3.01
N ARG A 14 -7.63 -8.62 -1.97
CA ARG A 14 -6.42 -8.17 -1.33
C ARG A 14 -5.22 -8.32 -2.25
N TYR A 15 -5.18 -9.42 -3.01
CA TYR A 15 -4.10 -9.60 -3.97
C TYR A 15 -4.04 -8.43 -4.94
N GLU A 16 -5.18 -8.04 -5.52
CA GLU A 16 -5.14 -6.98 -6.51
C GLU A 16 -4.68 -5.67 -5.90
N LEU A 17 -5.05 -5.42 -4.64
CA LEU A 17 -4.61 -4.21 -3.97
C LEU A 17 -3.08 -4.20 -3.86
N LEU A 18 -2.53 -5.29 -3.36
CA LEU A 18 -1.09 -5.35 -3.16
C LEU A 18 -0.36 -5.45 -4.49
N ARG A 19 -0.97 -6.11 -5.47
CA ARG A 19 -0.36 -6.17 -6.79
C ARG A 19 -0.21 -4.77 -7.37
N GLU A 20 -1.26 -3.96 -7.24
CA GLU A 20 -1.21 -2.61 -7.79
C GLU A 20 -0.12 -1.79 -7.12
N ILE A 21 0.00 -1.88 -5.80
CA ILE A 21 1.05 -1.15 -5.12
C ILE A 21 2.42 -1.65 -5.56
N ASN A 22 2.57 -2.96 -5.66
CA ASN A 22 3.85 -3.54 -6.01
C ASN A 22 4.29 -3.05 -7.38
N GLU A 23 3.36 -3.13 -8.35
CA GLU A 23 3.69 -2.71 -9.71
C GLU A 23 4.00 -1.23 -9.74
N ALA A 24 3.28 -0.43 -8.97
CA ALA A 24 3.51 1.00 -8.98
C ALA A 24 4.87 1.33 -8.37
N LEU A 25 5.22 0.68 -7.27
CA LEU A 25 6.54 0.91 -6.70
C LEU A 25 7.64 0.47 -7.64
N GLU A 26 7.44 -0.66 -8.32
CA GLU A 26 8.42 -1.12 -9.30
C GLU A 26 8.60 -0.12 -10.43
N LEU A 27 7.50 0.39 -10.94
CA LEU A 27 7.56 1.36 -12.02
C LEU A 27 8.25 2.63 -11.56
N LYS A 28 7.93 3.09 -10.36
CA LYS A 28 8.56 4.30 -9.86
CA LYS A 28 8.56 4.29 -9.86
C LYS A 28 10.05 4.10 -9.70
N GLU A 29 10.47 2.93 -9.20
CA GLU A 29 11.89 2.68 -9.08
C GLU A 29 12.56 2.71 -10.45
N ALA A 30 11.93 2.10 -11.45
CA ALA A 30 12.52 2.08 -12.79
C ALA A 30 12.64 3.49 -13.34
N HIS A 31 11.72 4.37 -13.04
CA HIS A 31 11.66 5.77 -13.53
C HIS A 31 12.50 6.71 -12.65
N SER A 32 13.23 6.21 -11.67
CA SER A 32 14.04 7.08 -10.83
C SER A 32 15.54 6.89 -11.08
N GLY B 1 -10.73 19.77 -13.25
CA GLY B 1 -9.63 19.67 -12.26
C GLY B 1 -9.71 18.38 -11.46
N SER B 2 -8.62 18.03 -10.81
CA SER B 2 -8.62 16.85 -9.98
C SER B 2 -9.55 17.01 -8.80
N GLU B 3 -10.09 15.88 -8.36
CA GLU B 3 -10.90 15.80 -7.15
C GLU B 3 -10.00 15.21 -6.08
N TYR B 4 -9.72 15.99 -5.05
CA TYR B 4 -8.82 15.54 -4.00
C TYR B 4 -9.61 14.98 -2.84
N PHE B 5 -9.01 14.00 -2.21
CA PHE B 5 -9.49 13.37 -1.00
C PHE B 5 -8.32 13.50 -0.02
N THR B 6 -8.64 13.58 1.26
CA THR B 6 -7.59 13.67 2.27
C THR B 6 -7.77 12.59 3.33
N LEU B 7 -6.65 12.12 3.80
CA LEU B 7 -6.60 11.24 4.95
C LEU B 7 -5.67 11.80 6.00
N GLN B 8 -6.05 11.69 7.26
CA GLN B 8 -5.17 12.06 8.37
C GLN B 8 -4.35 10.84 8.74
N ILE B 9 -3.03 10.95 8.65
CA ILE B 9 -2.14 9.82 8.88
C ILE B 9 -1.36 10.14 10.13
N ARG B 10 -1.30 9.18 11.03
CA ARG B 10 -0.57 9.33 12.28
C ARG B 10 0.85 8.82 12.09
N GLY B 11 1.81 9.71 12.32
CA GLY B 11 3.20 9.34 12.30
C GLY B 11 3.84 9.79 11.00
N ARG B 12 5.00 10.46 11.08
CA ARG B 12 5.65 10.95 9.88
C ARG B 12 6.19 9.82 9.02
N GLN B 13 6.73 8.78 9.63
CA GLN B 13 7.21 7.68 8.81
C GLN B 13 6.07 6.99 8.08
N ARG B 14 4.95 6.78 8.74
CA ARG B 14 3.80 6.22 8.05
C ARG B 14 3.28 7.15 6.98
N TYR B 15 3.21 8.46 7.27
CA TYR B 15 2.79 9.42 6.27
C TYR B 15 3.68 9.37 5.04
N GLU B 16 4.99 9.41 5.23
CA GLU B 16 5.91 9.44 4.10
C GLU B 16 5.83 8.16 3.30
N LEU B 17 5.59 7.04 3.95
CA LEU B 17 5.38 5.79 3.25
C LEU B 17 4.11 5.84 2.42
N LEU B 18 3.00 6.25 3.02
CA LEU B 18 1.77 6.27 2.25
C LEU B 18 1.82 7.32 1.16
N ARG B 19 2.52 8.42 1.41
CA ARG B 19 2.73 9.41 0.37
C ARG B 19 3.52 8.83 -0.79
N GLU B 20 4.56 8.05 -0.47
CA GLU B 20 5.33 7.40 -1.53
C GLU B 20 4.47 6.44 -2.35
N ILE B 21 3.64 5.65 -1.67
CA ILE B 21 2.75 4.74 -2.39
C ILE B 21 1.77 5.52 -3.24
N ASN B 22 1.22 6.59 -2.68
CA ASN B 22 0.29 7.43 -3.42
C ASN B 22 0.95 7.99 -4.68
N GLU B 23 2.16 8.52 -4.53
CA GLU B 23 2.88 9.07 -5.68
C GLU B 23 3.18 8.01 -6.71
N ALA B 24 3.55 6.80 -6.27
CA ALA B 24 3.83 5.73 -7.22
C ALA B 24 2.56 5.33 -7.98
N LEU B 25 1.42 5.26 -7.28
CA LEU B 25 0.16 4.96 -7.95
C LEU B 25 -0.19 6.04 -8.96
N GLU B 26 0.04 7.31 -8.60
CA GLU B 26 -0.18 8.41 -9.54
C GLU B 26 0.71 8.26 -10.77
N LEU B 27 1.97 7.89 -10.55
CA LEU B 27 2.86 7.72 -11.69
C LEU B 27 2.36 6.59 -12.57
N LYS B 28 1.93 5.49 -11.97
CA LYS B 28 1.50 4.34 -12.76
C LYS B 28 0.28 4.69 -13.59
N GLU B 29 -0.66 5.42 -13.00
CA GLU B 29 -1.83 5.89 -13.73
C GLU B 29 -1.43 6.80 -14.89
N ALA B 30 -0.53 7.76 -14.61
CA ALA B 30 -0.12 8.72 -15.65
C ALA B 30 0.57 8.02 -16.81
N HIS B 31 1.29 6.95 -16.55
CA HIS B 31 1.99 6.16 -17.57
C HIS B 31 1.03 5.25 -18.29
N SER B 32 -0.21 5.17 -17.83
CA SER B 32 -1.21 4.27 -18.36
C SER B 32 -0.73 2.85 -18.20
N SER C 2 -7.79 -23.03 -4.08
CA SER C 2 -6.60 -22.20 -3.91
C SER C 2 -7.02 -20.79 -3.51
N GLU C 3 -6.86 -20.47 -2.22
CA GLU C 3 -7.33 -19.21 -1.63
C GLU C 3 -6.23 -18.17 -1.56
N TYR C 4 -5.01 -18.55 -1.88
CA TYR C 4 -3.87 -17.63 -1.86
C TYR C 4 -3.39 -17.39 -3.27
N PHE C 5 -2.91 -16.17 -3.49
CA PHE C 5 -2.38 -15.75 -4.78
C PHE C 5 -0.96 -15.29 -4.57
N THR C 6 -0.10 -15.59 -5.53
CA THR C 6 1.31 -15.32 -5.37
C THR C 6 1.64 -13.95 -5.93
N LEU C 7 2.27 -13.13 -5.10
CA LEU C 7 2.75 -11.83 -5.52
C LEU C 7 4.27 -11.94 -5.60
N GLN C 8 4.82 -11.66 -6.79
CA GLN C 8 6.25 -11.67 -7.03
C GLN C 8 6.81 -10.26 -6.88
N ILE C 9 7.79 -10.13 -5.99
CA ILE C 9 8.28 -8.84 -5.52
C ILE C 9 9.78 -8.75 -5.75
N ARG C 10 10.21 -7.65 -6.32
CA ARG C 10 11.63 -7.40 -6.54
C ARG C 10 12.19 -6.64 -5.35
N GLY C 11 13.14 -7.25 -4.65
CA GLY C 11 13.84 -6.55 -3.60
C GLY C 11 13.34 -6.86 -2.21
N ARG C 12 14.27 -7.04 -1.28
CA ARG C 12 13.89 -7.48 0.06
C ARG C 12 13.12 -6.40 0.79
N GLN C 13 13.52 -5.14 0.62
CA GLN C 13 12.83 -4.04 1.30
CA GLN C 13 12.83 -4.06 1.32
C GLN C 13 11.37 -3.99 0.89
N ARG C 14 11.10 -4.06 -0.40
CA ARG C 14 9.74 -4.04 -0.85
C ARG C 14 8.98 -5.27 -0.38
N TYR C 15 9.65 -6.43 -0.36
CA TYR C 15 9.03 -7.63 0.18
C TYR C 15 8.61 -7.40 1.62
N GLU C 16 9.52 -6.87 2.44
CA GLU C 16 9.18 -6.68 3.85
C GLU C 16 8.05 -5.67 4.01
N LEU C 17 8.04 -4.62 3.19
CA LEU C 17 6.95 -3.65 3.24
C LEU C 17 5.62 -4.29 2.92
N LEU C 18 5.56 -5.02 1.80
CA LEU C 18 4.30 -5.61 1.39
C LEU C 18 3.88 -6.71 2.34
N ARG C 19 4.85 -7.43 2.91
CA ARG C 19 4.50 -8.42 3.91
C ARG C 19 3.85 -7.77 5.12
N GLU C 20 4.42 -6.65 5.58
CA GLU C 20 3.86 -5.92 6.72
C GLU C 20 2.45 -5.43 6.40
N ILE C 21 2.26 -4.87 5.22
CA ILE C 21 0.92 -4.41 4.84
C ILE C 21 -0.03 -5.57 4.76
N ASN C 22 0.41 -6.69 4.18
CA ASN C 22 -0.46 -7.86 4.08
C ASN C 22 -0.89 -8.33 5.45
N GLU C 23 0.06 -8.42 6.39
CA GLU C 23 -0.25 -8.83 7.75
C GLU C 23 -1.24 -7.87 8.39
N ALA C 24 -1.08 -6.58 8.15
CA ALA C 24 -2.02 -5.62 8.71
C ALA C 24 -3.40 -5.79 8.10
N LEU C 25 -3.47 -6.00 6.79
CA LEU C 25 -4.76 -6.24 6.15
C LEU C 25 -5.42 -7.49 6.68
N GLU C 26 -4.65 -8.56 6.89
CA GLU C 26 -5.21 -9.77 7.44
C GLU C 26 -5.78 -9.51 8.83
N LEU C 27 -5.06 -8.75 9.65
CA LEU C 27 -5.55 -8.48 10.99
C LEU C 27 -6.83 -7.66 10.94
N LYS C 28 -6.90 -6.71 10.02
CA LYS C 28 -8.11 -5.91 9.89
C LYS C 28 -9.27 -6.80 9.47
N GLU C 29 -9.04 -7.70 8.51
CA GLU C 29 -10.10 -8.63 8.14
C GLU C 29 -10.52 -9.47 9.35
N ALA C 30 -9.56 -9.96 10.11
CA ALA C 30 -9.89 -10.82 11.25
C ALA C 30 -10.78 -10.10 12.25
N HIS C 31 -10.60 -8.80 12.40
CA HIS C 31 -11.35 -8.01 13.34
C HIS C 31 -12.59 -7.37 12.75
N SER C 32 -12.88 -7.61 11.49
CA SER C 32 -14.06 -6.98 10.91
C SER C 32 -15.32 -7.52 11.55
N ARG C 33 -16.34 -6.68 11.65
CA ARG C 33 -17.59 -7.10 12.27
C ARG C 33 -18.23 -8.20 11.45
N SER D 2 1.39 17.04 16.57
CA SER D 2 2.47 17.00 15.59
C SER D 2 2.54 15.67 14.88
N GLU D 3 1.81 14.68 15.37
CA GLU D 3 1.97 13.37 14.79
C GLU D 3 1.04 13.13 13.61
N TYR D 4 0.08 14.02 13.36
CA TYR D 4 -0.82 13.84 12.22
C TYR D 4 -0.44 14.67 11.02
N PHE D 5 -0.57 14.05 9.85
CA PHE D 5 -0.26 14.66 8.58
C PHE D 5 -1.44 14.45 7.66
N THR D 6 -1.65 15.39 6.76
CA THR D 6 -2.76 15.28 5.83
C THR D 6 -2.21 14.77 4.52
N LEU D 7 -2.67 13.59 4.12
CA LEU D 7 -2.28 13.01 2.84
C LEU D 7 -3.31 13.42 1.81
N GLN D 8 -2.82 14.09 0.77
CA GLN D 8 -3.66 14.59 -0.32
C GLN D 8 -3.62 13.56 -1.44
N ILE D 9 -4.80 13.07 -1.81
CA ILE D 9 -4.99 11.96 -2.73
C ILE D 9 -5.87 12.37 -3.89
N ARG D 10 -5.50 12.00 -5.11
CA ARG D 10 -6.36 12.25 -6.25
C ARG D 10 -7.24 11.03 -6.51
N GLY D 11 -8.55 11.18 -6.36
CA GLY D 11 -9.45 10.12 -6.77
C GLY D 11 -9.97 9.23 -5.64
N ARG D 12 -11.22 8.79 -5.81
CA ARG D 12 -11.90 7.99 -4.79
CA ARG D 12 -11.90 7.99 -4.79
C ARG D 12 -11.28 6.61 -4.65
N GLN D 13 -10.89 6.00 -5.77
CA GLN D 13 -10.36 4.63 -5.71
C GLN D 13 -9.07 4.59 -4.92
N ARG D 14 -8.17 5.51 -5.19
CA ARG D 14 -6.91 5.55 -4.45
C ARG D 14 -7.14 5.96 -3.00
N TYR D 15 -8.09 6.87 -2.76
CA TYR D 15 -8.45 7.20 -1.40
C TYR D 15 -8.86 5.95 -0.63
N GLU D 16 -9.74 5.13 -1.22
CA GLU D 16 -10.22 3.95 -0.49
C GLU D 16 -9.10 2.95 -0.25
N LEU D 17 -8.20 2.82 -1.21
CA LEU D 17 -7.06 1.91 -1.05
C LEU D 17 -6.19 2.38 0.11
N LEU D 18 -5.83 3.67 0.11
CA LEU D 18 -4.95 4.18 1.14
C LEU D 18 -5.64 4.25 2.48
N ARG D 19 -6.94 4.52 2.50
CA ARG D 19 -7.65 4.51 3.76
C ARG D 19 -7.64 3.13 4.38
N GLU D 20 -7.85 2.10 3.56
CA GLU D 20 -7.85 0.73 4.09
C GLU D 20 -6.48 0.38 4.65
N ILE D 21 -5.41 0.72 3.93
CA ILE D 21 -4.08 0.42 4.42
C ILE D 21 -3.79 1.20 5.68
N ASN D 22 -4.18 2.47 5.72
CA ASN D 22 -3.92 3.27 6.91
C ASN D 22 -4.63 2.67 8.12
N GLU D 23 -5.91 2.30 7.97
CA GLU D 23 -6.65 1.71 9.07
C GLU D 23 -6.01 0.41 9.52
N ALA D 24 -5.57 -0.39 8.57
CA ALA D 24 -4.95 -1.66 8.90
C ALA D 24 -3.62 -1.45 9.61
N LEU D 25 -2.81 -0.49 9.17
CA LEU D 25 -1.56 -0.21 9.87
C LEU D 25 -1.82 0.30 11.30
N GLU D 26 -2.83 1.14 11.48
CA GLU D 26 -3.16 1.62 12.82
C GLU D 26 -3.56 0.45 13.71
N LEU D 27 -4.34 -0.49 13.18
CA LEU D 27 -4.76 -1.64 13.98
C LEU D 27 -3.56 -2.50 14.33
N LYS D 28 -2.68 -2.75 13.36
CA LYS D 28 -1.48 -3.52 13.66
C LYS D 28 -0.66 -2.84 14.75
N GLU D 29 -0.55 -1.52 14.68
CA GLU D 29 0.20 -0.82 15.73
C GLU D 29 -0.43 -1.05 17.09
N ALA D 30 -1.76 -0.98 17.16
CA ALA D 30 -2.41 -1.14 18.45
C ALA D 30 -2.15 -2.52 19.05
N HIS D 31 -1.96 -3.52 18.22
CA HIS D 31 -1.75 -4.88 18.69
C HIS D 31 -0.28 -5.29 18.77
N SER D 32 0.65 -4.41 18.42
CA SER D 32 2.07 -4.75 18.42
C SER D 32 2.63 -5.02 19.80
#